data_7YBA
#
_entry.id   7YBA
#
_cell.length_a   48.700
_cell.length_b   70.202
_cell.length_c   172.449
_cell.angle_alpha   90.000
_cell.angle_beta   90.000
_cell.angle_gamma   90.000
#
_symmetry.space_group_name_H-M   'P 21 21 21'
#
loop_
_entity.id
_entity.type
_entity.pdbx_description
1 polymer 'Aspartyl/asparaginyl beta-hydroxylase'
2 non-polymer 'MANGANESE (II) ION'
3 non-polymer '(2~{R})-2-oxidanyl-4-oxidanylidene-pentanedioic acid'
4 water water
#
_entity_poly.entity_id   1
_entity_poly.type   'polypeptide(L)'
_entity_poly.pdbx_seq_one_letter_code
;KPKLLNKFDKTIKAELDAAEKLRKRGKIEEAVNAFKELVRKYPQSPRARYGKAQCEDDLAEKRRSNEVLRGAIETYQEVA
SLPDVPADLLKLSLKRRSDRQQFLGHMRGSLLTLQRLVQLFPNDTSLKNDLGVGYLLIGDNDNAKKVYEEVLSVTPNDGF
AKVHYGFILKAQNKIAESIPYLKEGIESGDPGTDDGRFYFHLGDAMQRVGNKEAYKWYELGHKRGHFASVWQRSLYNVNG
LKAQPWWTPKETGYTELVKSLERNWKLIRDEGLAVMDKAKGLFLPEDENLREKGDWSQFTLWQQGRRNENACKGAPKTCT
LLEKFPETTGCRRGQIKYSIMHPGTHVWPHTGPTNCRLRMHLGLVIPKEGCKIRCANETKTWEEGKVLIFDDSFEHEVWQ
DASSFRLIFIVDVWHPELTPQQRRSLPAI
;
_entity_poly.pdbx_strand_id   A
#
loop_
_chem_comp.id
_chem_comp.type
_chem_comp.name
_chem_comp.formula
IO9 non-polymer '(2~{R})-2-oxidanyl-4-oxidanylidene-pentanedioic acid' 'C5 H6 O6'
MN non-polymer 'MANGANESE (II) ION' 'Mn 2'
#
# COMPACT_ATOMS: atom_id res chain seq x y z
N PRO A 2 20.69 5.86 -28.66
CA PRO A 2 19.44 5.25 -29.12
C PRO A 2 18.98 5.80 -30.45
N LYS A 3 18.70 4.91 -31.41
CA LYS A 3 18.44 5.30 -32.80
C LYS A 3 16.93 5.44 -33.00
N LEU A 4 16.43 6.65 -32.75
CA LEU A 4 15.02 6.98 -32.93
C LEU A 4 14.74 7.58 -34.30
N LEU A 5 15.77 7.81 -35.13
CA LEU A 5 15.63 8.44 -36.44
C LEU A 5 15.99 7.44 -37.54
N ASN A 6 15.03 7.15 -38.41
CA ASN A 6 15.29 6.33 -39.57
C ASN A 6 15.30 7.22 -40.81
N LYS A 7 15.62 6.61 -41.95
CA LYS A 7 15.79 7.33 -43.21
C LYS A 7 14.66 8.33 -43.42
N PHE A 8 13.45 7.80 -43.64
CA PHE A 8 12.30 8.64 -43.97
C PHE A 8 12.29 9.93 -43.16
N ASP A 9 12.50 9.85 -41.85
CA ASP A 9 12.58 11.06 -41.04
C ASP A 9 13.93 11.76 -41.21
N LYS A 10 15.04 10.99 -41.16
CA LYS A 10 16.40 11.54 -41.06
C LYS A 10 16.60 12.83 -41.89
N THR A 11 16.01 12.87 -43.09
CA THR A 11 16.02 14.10 -43.90
C THR A 11 15.61 15.32 -43.08
N ILE A 12 14.46 15.26 -42.39
CA ILE A 12 13.91 16.47 -41.78
C ILE A 12 14.20 16.56 -40.29
N LYS A 13 15.33 15.99 -39.84
CA LYS A 13 15.74 16.17 -38.45
C LYS A 13 16.07 17.62 -38.16
N ALA A 14 16.48 18.37 -39.18
CA ALA A 14 16.96 19.73 -38.94
C ALA A 14 15.94 20.52 -38.14
N GLU A 15 14.65 20.30 -38.41
CA GLU A 15 13.61 21.01 -37.69
C GLU A 15 13.12 20.25 -36.45
N LEU A 16 13.18 18.92 -36.47
CA LEU A 16 12.83 18.14 -35.28
C LEU A 16 13.49 18.71 -34.04
N ASP A 17 14.82 18.89 -34.09
CA ASP A 17 15.57 19.35 -32.92
C ASP A 17 14.89 20.56 -32.29
N ALA A 18 14.40 21.47 -33.12
CA ALA A 18 13.72 22.65 -32.62
C ALA A 18 12.59 22.28 -31.69
N ALA A 19 11.60 21.55 -32.22
CA ALA A 19 10.42 21.22 -31.44
C ALA A 19 10.80 20.57 -30.12
N GLU A 20 11.72 19.60 -30.15
CA GLU A 20 12.10 18.91 -28.93
C GLU A 20 12.72 19.86 -27.91
N LYS A 21 13.44 20.89 -28.38
CA LYS A 21 14.04 21.86 -27.47
C LYS A 21 13.03 22.92 -27.04
N LEU A 22 12.08 23.28 -27.90
CA LEU A 22 10.95 24.09 -27.43
C LEU A 22 10.27 23.42 -26.24
N ARG A 23 10.34 22.08 -26.18
CA ARG A 23 9.91 21.36 -24.98
C ARG A 23 10.96 21.49 -23.88
N LYS A 24 12.16 20.91 -24.10
CA LYS A 24 13.27 21.04 -23.17
C LYS A 24 13.34 22.47 -22.64
N ARG A 25 13.15 23.46 -23.53
CA ARG A 25 13.04 24.85 -23.09
C ARG A 25 11.96 25.00 -22.02
N GLY A 26 10.89 24.22 -22.14
CA GLY A 26 9.74 24.32 -21.26
C GLY A 26 8.56 25.06 -21.87
N LYS A 27 8.70 25.60 -23.07
CA LYS A 27 7.60 26.27 -23.78
C LYS A 27 6.77 25.19 -24.47
N ILE A 28 5.99 24.49 -23.66
CA ILE A 28 5.26 23.32 -24.16
C ILE A 28 4.31 23.75 -25.26
N GLU A 29 3.56 24.83 -25.03
CA GLU A 29 2.66 25.35 -26.06
C GLU A 29 3.35 25.37 -27.41
N GLU A 30 4.52 26.01 -27.50
CA GLU A 30 5.30 25.99 -28.73
C GLU A 30 5.49 24.56 -29.22
N ALA A 31 6.10 23.72 -28.38
CA ALA A 31 6.41 22.34 -28.76
C ALA A 31 5.20 21.64 -29.38
N VAL A 32 4.05 21.71 -28.70
CA VAL A 32 2.84 21.06 -29.21
C VAL A 32 2.55 21.53 -30.63
N ASN A 33 2.34 22.85 -30.79
CA ASN A 33 1.95 23.39 -32.09
C ASN A 33 3.00 23.06 -33.17
N ALA A 34 4.29 23.12 -32.80
CA ALA A 34 5.35 22.71 -33.71
C ALA A 34 5.08 21.31 -34.24
N PHE A 35 5.11 20.34 -33.34
CA PHE A 35 4.94 18.95 -33.73
C PHE A 35 3.62 18.73 -34.46
N LYS A 36 2.54 19.34 -33.98
CA LYS A 36 1.27 19.26 -34.71
C LYS A 36 1.42 19.80 -36.13
N GLU A 37 2.18 20.89 -36.30
CA GLU A 37 2.41 21.43 -37.65
C GLU A 37 3.24 20.47 -38.50
N LEU A 38 4.24 19.83 -37.90
CA LEU A 38 5.02 18.80 -38.59
C LEU A 38 4.24 17.51 -38.76
N VAL A 39 3.19 17.32 -37.96
CA VAL A 39 2.27 16.21 -38.21
C VAL A 39 1.56 16.39 -39.53
N ARG A 40 1.09 17.62 -39.81
CA ARG A 40 0.43 17.87 -41.09
C ARG A 40 1.43 18.03 -42.23
N LYS A 41 2.60 18.61 -41.96
CA LYS A 41 3.64 18.76 -42.99
C LYS A 41 4.23 17.40 -43.40
N TYR A 42 4.52 16.54 -42.43
CA TYR A 42 5.02 15.20 -42.71
C TYR A 42 4.17 14.20 -41.93
N PRO A 43 2.93 13.93 -42.40
CA PRO A 43 2.09 12.93 -41.72
C PRO A 43 2.87 11.70 -41.32
N GLN A 44 3.44 11.06 -42.33
CA GLN A 44 3.97 9.72 -42.20
C GLN A 44 5.10 9.59 -41.18
N SER A 45 5.67 10.69 -40.73
CA SER A 45 6.89 10.56 -39.96
C SER A 45 6.60 9.93 -38.61
N PRO A 46 7.44 8.97 -38.15
CA PRO A 46 7.27 8.40 -36.80
C PRO A 46 7.76 9.33 -35.71
N ARG A 47 8.98 9.85 -35.88
CA ARG A 47 9.49 10.81 -34.92
C ARG A 47 8.57 12.02 -34.80
N ALA A 48 7.98 12.44 -35.92
CA ALA A 48 7.00 13.51 -35.84
C ALA A 48 5.87 13.14 -34.89
N ARG A 49 5.31 11.94 -35.05
CA ARG A 49 4.31 11.46 -34.09
C ARG A 49 4.90 11.39 -32.70
N TYR A 50 6.00 10.65 -32.55
CA TYR A 50 6.57 10.48 -31.22
C TYR A 50 6.72 11.80 -30.50
N GLY A 51 7.03 12.87 -31.22
CA GLY A 51 7.17 14.16 -30.59
C GLY A 51 5.84 14.73 -30.14
N LYS A 52 4.84 14.69 -31.00
CA LYS A 52 3.52 15.15 -30.60
C LYS A 52 3.05 14.45 -29.33
N ALA A 53 3.39 13.17 -29.18
CA ALA A 53 2.90 12.43 -28.03
C ALA A 53 3.63 12.85 -26.76
N GLN A 54 4.97 12.95 -26.83
CA GLN A 54 5.72 13.34 -25.65
C GLN A 54 5.32 14.72 -25.20
N CYS A 55 5.02 15.61 -26.17
CA CYS A 55 4.43 16.90 -25.85
C CYS A 55 3.16 16.75 -25.04
N GLU A 56 2.23 15.94 -25.55
CA GLU A 56 0.95 15.76 -24.88
C GLU A 56 1.13 15.17 -23.50
N ASP A 57 2.04 14.20 -23.36
CA ASP A 57 2.35 13.60 -22.07
C ASP A 57 2.75 14.67 -21.05
N ASP A 58 3.67 15.53 -21.44
CA ASP A 58 4.14 16.59 -20.55
C ASP A 58 3.07 17.65 -20.33
N LEU A 59 2.40 18.11 -21.39
CA LEU A 59 1.30 19.06 -21.22
C LEU A 59 0.20 18.50 -20.32
N ALA A 60 0.14 17.18 -20.11
CA ALA A 60 -0.84 16.58 -19.20
C ALA A 60 -0.35 16.62 -17.76
N GLU A 61 0.92 16.25 -17.54
CA GLU A 61 1.54 16.41 -16.22
C GLU A 61 1.39 17.84 -15.74
N LYS A 62 1.60 18.81 -16.63
CA LYS A 62 1.41 20.22 -16.32
C LYS A 62 -0.02 20.49 -15.89
N ARG A 63 -0.97 20.39 -16.83
CA ARG A 63 -2.36 20.65 -16.51
C ARG A 63 -2.92 19.63 -15.52
N ARG A 64 -2.26 18.49 -15.32
CA ARG A 64 -2.79 17.46 -14.44
C ARG A 64 -4.13 16.95 -14.97
N SER A 65 -4.23 16.84 -16.31
CA SER A 65 -5.47 16.48 -17.00
C SER A 65 -5.35 15.09 -17.60
N ASN A 66 -6.07 14.13 -17.00
CA ASN A 66 -6.29 12.85 -17.65
C ASN A 66 -6.75 13.01 -19.09
N GLU A 67 -7.77 13.85 -19.31
CA GLU A 67 -8.29 13.98 -20.67
C GLU A 67 -7.15 14.24 -21.64
N VAL A 68 -6.23 15.11 -21.25
CA VAL A 68 -5.05 15.36 -22.07
C VAL A 68 -4.23 14.09 -22.25
N LEU A 69 -3.81 13.51 -21.13
CA LEU A 69 -2.97 12.32 -21.17
C LEU A 69 -3.61 11.22 -22.00
N ARG A 70 -4.93 11.12 -21.95
CA ARG A 70 -5.58 10.13 -22.79
C ARG A 70 -5.34 10.43 -24.26
N GLY A 71 -5.09 11.69 -24.62
CA GLY A 71 -4.71 11.99 -25.99
C GLY A 71 -3.34 11.43 -26.34
N ALA A 72 -2.35 11.67 -25.46
CA ALA A 72 -1.01 11.15 -25.66
C ALA A 72 -1.00 9.63 -25.87
N ILE A 73 -1.77 8.91 -25.05
CA ILE A 73 -1.79 7.45 -25.10
C ILE A 73 -2.11 6.95 -26.50
N GLU A 74 -2.97 7.67 -27.24
CA GLU A 74 -3.25 7.21 -28.60
C GLU A 74 -2.14 7.62 -29.54
N THR A 75 -1.56 8.80 -29.34
CA THR A 75 -0.52 9.23 -30.26
C THR A 75 0.69 8.32 -30.11
N TYR A 76 0.99 7.86 -28.88
CA TYR A 76 2.01 6.84 -28.71
C TYR A 76 1.68 5.60 -29.53
N GLN A 77 0.40 5.21 -29.55
CA GLN A 77 -0.03 4.12 -30.42
C GLN A 77 0.19 4.46 -31.91
N GLU A 78 -0.02 5.72 -32.28
CA GLU A 78 0.13 6.11 -33.68
C GLU A 78 1.56 5.95 -34.14
N VAL A 79 2.55 6.29 -33.31
CA VAL A 79 3.95 6.10 -33.70
C VAL A 79 4.13 4.69 -34.26
N ALA A 80 3.41 3.73 -33.67
CA ALA A 80 3.61 2.32 -33.92
C ALA A 80 2.77 1.79 -35.09
N SER A 81 2.12 2.65 -35.86
CA SER A 81 1.44 2.24 -37.09
C SER A 81 2.20 2.57 -38.37
N LEU A 82 3.17 3.47 -38.30
CA LEU A 82 3.87 3.95 -39.47
C LEU A 82 4.88 2.90 -39.91
N PRO A 83 5.49 3.09 -41.07
CA PRO A 83 6.35 2.04 -41.61
C PRO A 83 7.82 2.27 -41.30
N ASP A 84 8.63 1.20 -41.35
CA ASP A 84 10.06 1.26 -41.08
C ASP A 84 10.32 2.07 -39.82
N VAL A 85 9.45 1.90 -38.84
CA VAL A 85 9.61 2.66 -37.60
C VAL A 85 10.80 2.11 -36.82
N PRO A 86 11.70 2.95 -36.32
CA PRO A 86 12.86 2.44 -35.58
C PRO A 86 12.42 1.65 -34.36
N ALA A 87 12.92 0.43 -34.25
CA ALA A 87 12.56 -0.46 -33.13
C ALA A 87 12.90 0.16 -31.77
N ASP A 88 14.04 0.84 -31.66
CA ASP A 88 14.29 1.67 -30.49
C ASP A 88 13.06 2.52 -30.20
N LEU A 89 12.62 3.30 -31.19
CA LEU A 89 11.54 4.28 -30.98
C LEU A 89 10.21 3.60 -30.74
N LEU A 90 10.01 2.45 -31.37
CA LEU A 90 8.80 1.66 -31.16
C LEU A 90 8.71 1.18 -29.71
N LYS A 91 9.72 0.43 -29.28
CA LYS A 91 9.82 0.05 -27.87
C LYS A 91 9.56 1.25 -26.96
N LEU A 92 10.13 2.39 -27.26
CA LEU A 92 10.03 3.51 -26.34
C LEU A 92 8.57 3.95 -26.18
N SER A 93 7.90 4.08 -27.32
CA SER A 93 6.57 4.67 -27.38
C SER A 93 5.53 3.74 -26.76
N LEU A 94 5.59 2.46 -27.10
CA LEU A 94 4.65 1.53 -26.49
C LEU A 94 4.95 1.29 -25.02
N LYS A 95 6.23 1.38 -24.63
CA LYS A 95 6.53 1.27 -23.21
C LYS A 95 5.86 2.41 -22.48
N ARG A 96 5.93 3.60 -23.05
CA ARG A 96 5.35 4.74 -22.37
C ARG A 96 3.83 4.65 -22.34
N ARG A 97 3.23 4.21 -23.44
CA ARG A 97 1.77 4.08 -23.45
C ARG A 97 1.32 3.12 -22.37
N SER A 98 2.01 1.99 -22.22
CA SER A 98 1.64 1.03 -21.18
C SER A 98 1.72 1.68 -19.81
N ASP A 99 2.81 2.38 -19.56
CA ASP A 99 2.97 3.08 -18.29
C ASP A 99 1.85 4.08 -18.04
N ARG A 100 1.54 4.90 -19.06
CA ARG A 100 0.46 5.88 -18.94
C ARG A 100 -0.86 5.17 -18.78
N GLN A 101 -1.10 4.10 -19.54
CA GLN A 101 -2.33 3.32 -19.33
C GLN A 101 -2.41 2.88 -17.86
N GLN A 102 -1.31 2.40 -17.32
CA GLN A 102 -1.34 1.93 -15.93
C GLN A 102 -1.66 3.05 -14.96
N PHE A 103 -1.08 4.23 -15.20
CA PHE A 103 -1.30 5.42 -14.38
C PHE A 103 -2.78 5.74 -14.22
N LEU A 104 -3.54 5.68 -15.33
CA LEU A 104 -4.98 5.95 -15.33
C LEU A 104 -5.84 4.79 -14.83
N GLY A 105 -5.27 3.64 -14.56
CA GLY A 105 -6.11 2.53 -14.20
C GLY A 105 -6.53 1.57 -15.28
N HIS A 106 -6.08 1.75 -16.53
CA HIS A 106 -6.44 0.84 -17.61
C HIS A 106 -5.49 -0.37 -17.58
N MET A 107 -5.67 -1.21 -16.55
CA MET A 107 -4.69 -2.27 -16.32
C MET A 107 -4.75 -3.28 -17.45
N ARG A 108 -5.95 -3.68 -17.85
CA ARG A 108 -6.01 -4.63 -18.95
C ARG A 108 -5.59 -4.00 -20.27
N GLY A 109 -5.90 -2.72 -20.48
CA GLY A 109 -5.40 -2.05 -21.66
C GLY A 109 -3.88 -2.05 -21.70
N SER A 110 -3.26 -1.75 -20.56
CA SER A 110 -1.79 -1.81 -20.48
C SER A 110 -1.28 -3.23 -20.70
N LEU A 111 -1.98 -4.22 -20.18
CA LEU A 111 -1.58 -5.59 -20.46
C LEU A 111 -1.57 -5.86 -21.97
N LEU A 112 -2.63 -5.46 -22.66
CA LEU A 112 -2.67 -5.66 -24.10
C LEU A 112 -1.45 -5.00 -24.78
N THR A 113 -1.09 -3.79 -24.37
CA THR A 113 0.09 -3.16 -24.94
C THR A 113 1.36 -3.96 -24.64
N LEU A 114 1.52 -4.39 -23.41
CA LEU A 114 2.66 -5.22 -23.05
C LEU A 114 2.68 -6.53 -23.83
N GLN A 115 1.52 -7.15 -24.03
CA GLN A 115 1.45 -8.37 -24.82
C GLN A 115 2.00 -8.11 -26.21
N ARG A 116 1.66 -6.95 -26.75
CA ARG A 116 2.11 -6.59 -28.09
C ARG A 116 3.62 -6.43 -28.10
N LEU A 117 4.17 -5.75 -27.09
CA LEU A 117 5.62 -5.51 -27.06
C LEU A 117 6.41 -6.81 -26.99
N VAL A 118 5.88 -7.80 -26.28
CA VAL A 118 6.59 -9.08 -26.17
C VAL A 118 6.54 -9.83 -27.49
N GLN A 119 5.43 -9.69 -28.23
CA GLN A 119 5.35 -10.29 -29.55
C GLN A 119 6.35 -9.64 -30.51
N LEU A 120 6.55 -8.33 -30.39
CA LEU A 120 7.46 -7.62 -31.27
C LEU A 120 8.91 -7.89 -30.92
N PHE A 121 9.19 -8.14 -29.66
CA PHE A 121 10.55 -8.14 -29.11
C PHE A 121 10.66 -9.35 -28.22
N PRO A 122 10.66 -10.57 -28.79
CA PRO A 122 10.55 -11.78 -27.98
C PRO A 122 11.84 -12.16 -27.25
N ASN A 123 12.89 -11.33 -27.36
CA ASN A 123 14.14 -11.57 -26.65
C ASN A 123 14.48 -10.45 -25.68
N ASP A 124 13.61 -9.44 -25.54
CA ASP A 124 13.79 -8.43 -24.49
C ASP A 124 13.18 -8.98 -23.20
N THR A 125 14.07 -9.40 -22.30
CA THR A 125 13.75 -9.86 -20.95
C THR A 125 13.07 -8.76 -20.15
N SER A 126 13.56 -7.54 -20.32
CA SER A 126 12.99 -6.43 -19.60
C SER A 126 11.49 -6.34 -19.87
N LEU A 127 11.10 -6.61 -21.10
CA LEU A 127 9.69 -6.48 -21.48
C LEU A 127 8.88 -7.64 -20.95
N LYS A 128 9.45 -8.83 -20.93
CA LYS A 128 8.74 -9.93 -20.30
C LYS A 128 8.51 -9.61 -18.82
N ASN A 129 9.57 -9.14 -18.14
CA ASN A 129 9.40 -8.72 -16.74
C ASN A 129 8.23 -7.76 -16.62
N ASP A 130 8.10 -6.79 -17.54
CA ASP A 130 7.04 -5.78 -17.45
C ASP A 130 5.68 -6.40 -17.76
N LEU A 131 5.67 -7.35 -18.68
CA LEU A 131 4.46 -8.11 -18.94
C LEU A 131 3.97 -8.80 -17.68
N GLY A 132 4.89 -9.40 -16.90
CA GLY A 132 4.43 -10.12 -15.72
C GLY A 132 3.77 -9.16 -14.76
N VAL A 133 4.25 -7.90 -14.75
CA VAL A 133 3.62 -6.90 -13.90
C VAL A 133 2.24 -6.59 -14.44
N GLY A 134 2.13 -6.45 -15.75
CA GLY A 134 0.83 -6.30 -16.34
C GLY A 134 -0.08 -7.39 -15.83
N TYR A 135 0.35 -8.66 -15.86
CA TYR A 135 -0.52 -9.73 -15.36
C TYR A 135 -0.83 -9.55 -13.86
N LEU A 136 0.15 -9.15 -13.07
CA LEU A 136 -0.11 -8.93 -11.65
C LEU A 136 -1.16 -7.86 -11.44
N LEU A 137 -1.12 -6.81 -12.25
CA LEU A 137 -1.99 -5.68 -12.03
C LEU A 137 -3.43 -6.00 -12.32
N ILE A 138 -3.71 -7.04 -13.10
CA ILE A 138 -5.09 -7.51 -13.26
C ILE A 138 -5.43 -8.68 -12.34
N GLY A 139 -4.55 -9.07 -11.43
CA GLY A 139 -4.79 -10.24 -10.58
C GLY A 139 -4.60 -11.60 -11.23
N ASP A 140 -3.93 -11.69 -12.37
CA ASP A 140 -3.72 -12.98 -13.01
C ASP A 140 -2.34 -13.46 -12.61
N ASN A 141 -2.24 -13.92 -11.38
CA ASN A 141 -0.96 -14.40 -10.91
C ASN A 141 -0.52 -15.68 -11.55
N ASP A 142 -1.45 -16.50 -12.07
CA ASP A 142 -1.01 -17.71 -12.77
C ASP A 142 -0.27 -17.37 -14.05
N ASN A 143 -0.73 -16.36 -14.79
CA ASN A 143 -0.02 -16.00 -16.00
C ASN A 143 1.23 -15.21 -15.70
N ALA A 144 1.20 -14.40 -14.62
CA ALA A 144 2.45 -13.76 -14.16
C ALA A 144 3.45 -14.83 -13.75
N LYS A 145 2.98 -15.86 -13.08
CA LYS A 145 3.93 -16.89 -12.68
C LYS A 145 4.58 -17.52 -13.89
N LYS A 146 3.79 -17.82 -14.90
CA LYS A 146 4.38 -18.43 -16.10
C LYS A 146 5.41 -17.49 -16.75
N VAL A 147 5.16 -16.19 -16.74
CA VAL A 147 6.11 -15.26 -17.38
C VAL A 147 7.45 -15.28 -16.65
N TYR A 148 7.42 -15.10 -15.33
CA TYR A 148 8.68 -15.02 -14.60
C TYR A 148 9.45 -16.35 -14.63
N GLU A 149 8.72 -17.47 -14.81
CA GLU A 149 9.36 -18.77 -15.00
C GLU A 149 10.13 -18.84 -16.32
N GLU A 150 9.53 -18.37 -17.42
CA GLU A 150 10.27 -18.28 -18.69
C GLU A 150 11.51 -17.41 -18.55
N VAL A 151 11.37 -16.25 -17.93
CA VAL A 151 12.54 -15.37 -17.77
C VAL A 151 13.65 -16.09 -17.00
N LEU A 152 13.29 -16.65 -15.84
CA LEU A 152 14.23 -17.34 -14.99
C LEU A 152 14.84 -18.54 -15.68
N SER A 153 14.11 -19.15 -16.62
CA SER A 153 14.64 -20.27 -17.40
C SER A 153 15.76 -19.84 -18.31
N VAL A 154 15.76 -18.55 -18.66
CA VAL A 154 16.69 -18.01 -19.63
C VAL A 154 17.72 -17.10 -18.97
N THR A 155 17.29 -16.35 -17.96
CA THR A 155 18.18 -15.50 -17.19
C THR A 155 17.99 -15.86 -15.71
N PRO A 156 18.66 -16.91 -15.23
CA PRO A 156 18.30 -17.47 -13.92
C PRO A 156 18.61 -16.57 -12.72
N ASN A 157 19.42 -15.53 -12.90
CA ASN A 157 19.81 -14.63 -11.84
C ASN A 157 19.23 -13.23 -12.00
N ASP A 158 18.17 -13.09 -12.80
CA ASP A 158 17.48 -11.81 -12.94
C ASP A 158 16.72 -11.47 -11.67
N GLY A 159 17.24 -10.50 -10.89
CA GLY A 159 16.63 -10.17 -9.61
C GLY A 159 15.21 -9.66 -9.69
N PHE A 160 14.89 -8.95 -10.76
CA PHE A 160 13.53 -8.45 -10.86
C PHE A 160 12.54 -9.61 -10.94
N ALA A 161 12.81 -10.57 -11.79
CA ALA A 161 11.95 -11.74 -11.87
C ALA A 161 11.96 -12.53 -10.56
N LYS A 162 13.09 -12.58 -9.90
CA LYS A 162 13.16 -13.34 -8.65
C LYS A 162 12.26 -12.73 -7.61
N VAL A 163 12.32 -11.44 -7.42
CA VAL A 163 11.53 -10.90 -6.32
C VAL A 163 10.06 -11.02 -6.66
N HIS A 164 9.75 -10.94 -7.96
CA HIS A 164 8.34 -11.06 -8.34
C HIS A 164 7.87 -12.51 -8.25
N TYR A 165 8.69 -13.45 -8.73
CA TYR A 165 8.41 -14.86 -8.46
C TYR A 165 8.18 -15.12 -6.97
N GLY A 166 9.06 -14.63 -6.09
CA GLY A 166 8.82 -14.80 -4.64
C GLY A 166 7.47 -14.26 -4.18
N PHE A 167 7.10 -13.11 -4.69
CA PHE A 167 5.83 -12.53 -4.27
C PHE A 167 4.69 -13.46 -4.66
N ILE A 168 4.73 -13.95 -5.89
CA ILE A 168 3.67 -14.84 -6.37
C ILE A 168 3.66 -16.10 -5.53
N LEU A 169 4.84 -16.64 -5.23
CA LEU A 169 4.90 -17.85 -4.42
C LEU A 169 4.26 -17.59 -3.06
N LYS A 170 4.59 -16.45 -2.45
CA LYS A 170 4.07 -16.14 -1.15
C LYS A 170 2.55 -16.05 -1.18
N ALA A 171 2.03 -15.42 -2.22
CA ALA A 171 0.60 -15.27 -2.38
C ALA A 171 -0.09 -16.60 -2.68
N GLN A 172 0.62 -17.60 -3.24
CA GLN A 172 0.02 -18.93 -3.38
C GLN A 172 0.17 -19.78 -2.15
N ASN A 173 0.53 -19.15 -1.02
CA ASN A 173 0.80 -19.82 0.24
C ASN A 173 1.99 -20.77 0.18
N LYS A 174 2.95 -20.51 -0.74
CA LYS A 174 4.24 -21.18 -0.71
C LYS A 174 5.25 -20.26 -0.03
N ILE A 175 5.09 -20.13 1.27
CA ILE A 175 5.75 -19.05 2.00
C ILE A 175 7.23 -19.29 2.16
N ALA A 176 7.59 -20.53 2.49
CA ALA A 176 8.99 -20.82 2.73
C ALA A 176 9.77 -20.79 1.43
N GLU A 177 9.13 -21.25 0.36
CA GLU A 177 9.74 -21.21 -0.97
C GLU A 177 9.93 -19.77 -1.49
N SER A 178 9.13 -18.81 -1.01
CA SER A 178 9.19 -17.44 -1.49
C SER A 178 10.44 -16.75 -0.99
N ILE A 179 10.96 -17.20 0.15
CA ILE A 179 11.94 -16.44 0.90
C ILE A 179 13.27 -16.34 0.14
N PRO A 180 13.85 -17.42 -0.36
CA PRO A 180 15.13 -17.24 -1.02
C PRO A 180 15.00 -16.45 -2.31
N TYR A 181 13.87 -16.57 -3.00
CA TYR A 181 13.62 -15.75 -4.18
C TYR A 181 13.63 -14.26 -3.84
N LEU A 182 12.96 -13.88 -2.77
CA LEU A 182 12.92 -12.47 -2.37
C LEU A 182 14.30 -12.02 -1.84
N LYS A 183 14.97 -12.88 -1.07
CA LYS A 183 16.30 -12.60 -0.57
C LYS A 183 17.28 -12.37 -1.72
N GLU A 184 17.36 -13.33 -2.66
CA GLU A 184 18.30 -13.24 -3.77
C GLU A 184 17.96 -12.10 -4.72
N GLY A 185 16.67 -11.88 -4.99
CA GLY A 185 16.29 -10.76 -5.82
C GLY A 185 16.70 -9.45 -5.20
N ILE A 186 16.43 -9.30 -3.90
CA ILE A 186 16.83 -8.05 -3.27
C ILE A 186 18.33 -7.89 -3.29
N GLU A 187 19.05 -8.99 -3.01
CA GLU A 187 20.49 -8.84 -2.86
C GLU A 187 21.14 -8.63 -4.22
N SER A 188 20.43 -8.99 -5.31
CA SER A 188 20.99 -8.74 -6.65
C SER A 188 21.22 -7.25 -6.84
N GLY A 189 20.52 -6.41 -6.09
CA GLY A 189 20.57 -4.99 -6.33
C GLY A 189 20.01 -4.55 -7.68
N ASP A 190 19.36 -5.45 -8.43
CA ASP A 190 19.01 -5.11 -9.81
C ASP A 190 17.93 -4.05 -9.81
N PRO A 191 17.72 -3.37 -10.95
CA PRO A 191 16.72 -2.30 -11.01
C PRO A 191 15.35 -2.83 -10.66
N GLY A 192 14.67 -2.13 -9.77
CA GLY A 192 13.35 -2.47 -9.37
C GLY A 192 13.29 -3.43 -8.21
N THR A 193 14.41 -3.90 -7.69
CA THR A 193 14.34 -4.78 -6.53
C THR A 193 14.41 -4.04 -5.21
N ASP A 194 14.85 -2.76 -5.19
CA ASP A 194 14.98 -1.98 -3.95
C ASP A 194 13.67 -1.24 -3.73
N ASP A 195 12.65 -2.05 -3.40
CA ASP A 195 11.28 -1.62 -3.26
C ASP A 195 10.75 -2.11 -1.93
N GLY A 196 10.12 -1.22 -1.18
CA GLY A 196 9.75 -1.56 0.18
C GLY A 196 8.76 -2.70 0.26
N ARG A 197 7.95 -2.91 -0.79
CA ARG A 197 7.01 -4.02 -0.81
C ARG A 197 7.71 -5.37 -0.68
N PHE A 198 8.91 -5.52 -1.27
CA PHE A 198 9.61 -6.81 -1.22
C PHE A 198 10.34 -7.02 0.12
N TYR A 199 10.84 -5.97 0.76
CA TYR A 199 11.25 -6.12 2.17
C TYR A 199 10.05 -6.48 3.07
N PHE A 200 8.92 -5.81 2.90
CA PHE A 200 7.73 -6.13 3.68
C PHE A 200 7.35 -7.59 3.57
N HIS A 201 7.35 -8.12 2.35
CA HIS A 201 6.93 -9.49 2.15
C HIS A 201 7.99 -10.48 2.60
N LEU A 202 9.27 -10.18 2.39
CA LEU A 202 10.33 -11.04 2.88
C LEU A 202 10.28 -11.18 4.40
N GLY A 203 10.18 -10.07 5.11
CA GLY A 203 10.09 -10.12 6.57
C GLY A 203 8.85 -10.81 7.08
N ASP A 204 7.69 -10.57 6.44
CA ASP A 204 6.45 -11.25 6.82
C ASP A 204 6.61 -12.74 6.64
N ALA A 205 7.13 -13.14 5.48
CA ALA A 205 7.31 -14.55 5.20
C ALA A 205 8.19 -15.19 6.26
N MET A 206 9.35 -14.60 6.50
CA MET A 206 10.27 -15.11 7.51
C MET A 206 9.61 -15.18 8.88
N GLN A 207 8.86 -14.17 9.27
CA GLN A 207 8.21 -14.26 10.57
C GLN A 207 7.27 -15.43 10.62
N ARG A 208 6.58 -15.69 9.52
CA ARG A 208 5.51 -16.68 9.52
C ARG A 208 6.04 -18.11 9.53
N VAL A 209 7.30 -18.29 9.18
CA VAL A 209 7.98 -19.58 9.31
C VAL A 209 8.94 -19.55 10.50
N GLY A 210 8.83 -18.57 11.38
CA GLY A 210 9.68 -18.55 12.56
C GLY A 210 11.16 -18.51 12.21
N ASN A 211 11.57 -17.43 11.57
CA ASN A 211 12.96 -17.13 11.26
C ASN A 211 13.28 -15.76 11.85
N LYS A 212 14.09 -15.72 12.91
CA LYS A 212 14.37 -14.47 13.59
C LYS A 212 15.10 -13.46 12.71
N GLU A 213 15.64 -13.89 11.57
CA GLU A 213 16.40 -13.03 10.66
C GLU A 213 15.56 -11.97 9.97
N ALA A 214 14.25 -11.97 10.21
CA ALA A 214 13.35 -10.98 9.64
C ALA A 214 13.74 -9.58 10.04
N TYR A 215 14.15 -9.40 11.30
CA TYR A 215 14.46 -8.05 11.75
C TYR A 215 15.75 -7.51 11.13
N LYS A 216 16.63 -8.38 10.64
CA LYS A 216 17.80 -7.89 9.89
C LYS A 216 17.34 -7.20 8.64
N TRP A 217 16.38 -7.82 7.98
CA TRP A 217 15.88 -7.31 6.72
C TRP A 217 15.04 -6.10 6.97
N TYR A 218 14.33 -6.06 8.10
CA TYR A 218 13.57 -4.85 8.41
C TYR A 218 14.50 -3.69 8.66
N GLU A 219 15.57 -3.95 9.43
CA GLU A 219 16.58 -2.94 9.64
C GLU A 219 17.23 -2.51 8.33
N LEU A 220 17.57 -3.47 7.48
CA LEU A 220 18.09 -3.07 6.18
C LEU A 220 17.05 -2.24 5.39
N GLY A 221 15.78 -2.63 5.46
CA GLY A 221 14.76 -1.81 4.86
C GLY A 221 14.80 -0.40 5.44
N HIS A 222 14.97 -0.30 6.75
CA HIS A 222 15.08 1.02 7.34
C HIS A 222 16.23 1.80 6.74
N LYS A 223 17.42 1.17 6.68
CA LYS A 223 18.58 1.88 6.18
CA LYS A 223 18.58 1.87 6.17
C LYS A 223 18.36 2.28 4.73
N ARG A 224 17.53 1.53 4.01
CA ARG A 224 17.27 1.83 2.61
C ARG A 224 16.08 2.79 2.42
N GLY A 225 15.47 3.27 3.52
CA GLY A 225 14.42 4.28 3.44
C GLY A 225 12.99 3.75 3.35
N HIS A 226 12.77 2.45 3.52
CA HIS A 226 11.43 1.91 3.37
C HIS A 226 10.65 1.92 4.66
N PHE A 227 11.31 2.03 5.81
CA PHE A 227 10.67 1.89 7.10
C PHE A 227 11.23 2.95 8.04
N ALA A 228 10.34 3.57 8.84
CA ALA A 228 10.77 4.55 9.83
C ALA A 228 11.87 4.00 10.73
N SER A 229 11.75 2.73 11.11
CA SER A 229 12.71 2.01 11.94
C SER A 229 12.47 0.50 11.73
N VAL A 230 13.19 -0.30 12.50
CA VAL A 230 13.08 -1.73 12.38
C VAL A 230 11.75 -2.20 12.95
N TRP A 231 11.18 -1.41 13.84
CA TRP A 231 9.92 -1.73 14.48
C TRP A 231 8.72 -0.96 13.91
N GLN A 232 8.92 0.33 13.53
CA GLN A 232 7.83 1.17 13.08
C GLN A 232 7.84 1.12 11.56
N ARG A 233 6.86 0.48 10.97
CA ARG A 233 6.96 0.16 9.55
C ARG A 233 5.67 0.49 8.82
N SER A 234 4.91 1.46 9.31
CA SER A 234 3.67 1.81 8.63
C SER A 234 3.96 2.49 7.31
N LEU A 235 2.91 2.58 6.50
CA LEU A 235 3.13 3.09 5.15
C LEU A 235 2.82 4.58 4.98
N TYR A 236 1.70 5.03 5.55
CA TYR A 236 1.20 6.39 5.35
C TYR A 236 1.52 7.21 6.59
N ASN A 237 2.58 8.03 6.50
CA ASN A 237 3.17 8.66 7.68
C ASN A 237 3.20 10.17 7.52
N VAL A 238 3.23 10.83 8.66
CA VAL A 238 3.48 12.25 8.78
C VAL A 238 4.77 12.41 9.56
N ASN A 239 5.66 13.24 9.07
CA ASN A 239 6.94 13.36 9.73
C ASN A 239 6.81 14.24 10.96
N GLY A 240 7.74 14.06 11.90
CA GLY A 240 7.71 14.92 13.07
C GLY A 240 6.75 14.53 14.19
N LEU A 241 6.27 13.30 14.18
CA LEU A 241 5.40 12.80 15.24
C LEU A 241 6.22 11.93 16.19
N LYS A 242 6.22 12.26 17.47
CA LYS A 242 6.88 11.44 18.48
C LYS A 242 6.56 9.97 18.25
N ALA A 243 7.63 9.16 18.15
CA ALA A 243 7.50 7.75 17.77
C ALA A 243 7.94 6.91 18.97
N GLN A 244 6.99 6.29 19.68
CA GLN A 244 7.34 5.37 20.76
C GLN A 244 6.26 4.31 20.81
N PRO A 245 6.60 3.08 21.16
CA PRO A 245 5.61 2.00 21.05
C PRO A 245 4.53 2.07 22.07
N TRP A 246 4.86 2.34 23.33
CA TRP A 246 3.88 2.39 24.41
C TRP A 246 3.77 3.80 25.00
N TRP A 247 2.53 4.22 25.35
CA TRP A 247 2.30 5.55 25.87
C TRP A 247 1.47 5.53 27.14
N THR A 248 1.67 6.50 27.94
CA THR A 248 0.80 6.75 29.09
C THR A 248 -0.29 7.75 28.74
N PRO A 249 -1.40 7.71 29.46
CA PRO A 249 -2.42 8.73 29.26
C PRO A 249 -1.85 10.10 29.34
N LYS A 250 -1.12 10.42 30.43
CA LYS A 250 -0.49 11.72 30.54
C LYS A 250 0.32 12.06 29.29
N GLU A 251 1.03 11.09 28.74
CA GLU A 251 1.87 11.42 27.61
C GLU A 251 1.03 11.79 26.40
N THR A 252 -0.15 11.18 26.26
CA THR A 252 -0.98 11.49 25.10
C THR A 252 -1.70 12.84 25.22
N GLY A 253 -1.90 13.33 26.45
CA GLY A 253 -2.76 14.48 26.73
C GLY A 253 -4.26 14.18 26.77
N TYR A 254 -4.70 13.00 26.36
CA TYR A 254 -6.13 12.70 26.20
C TYR A 254 -6.69 12.13 27.48
N THR A 255 -6.35 12.82 28.57
CA THR A 255 -6.62 12.28 29.90
C THR A 255 -8.10 12.22 30.18
N GLU A 256 -8.88 13.19 29.69
CA GLU A 256 -10.32 13.12 29.95
C GLU A 256 -10.94 11.94 29.22
N LEU A 257 -10.47 11.62 27.98
CA LEU A 257 -11.00 10.46 27.28
C LEU A 257 -10.70 9.18 28.05
N VAL A 258 -9.48 9.07 28.55
CA VAL A 258 -9.09 7.86 29.25
C VAL A 258 -9.92 7.71 30.53
N LYS A 259 -10.09 8.78 31.28
CA LYS A 259 -10.94 8.72 32.45
C LYS A 259 -12.35 8.25 32.09
N SER A 260 -12.91 8.76 30.97
CA SER A 260 -14.33 8.48 30.73
CA SER A 260 -14.33 8.49 30.73
C SER A 260 -14.52 7.02 30.41
N LEU A 261 -13.51 6.43 29.82
CA LEU A 261 -13.52 5.02 29.47
C LEU A 261 -13.27 4.12 30.67
N GLU A 262 -12.31 4.49 31.51
CA GLU A 262 -12.03 3.70 32.71
C GLU A 262 -13.19 3.77 33.69
N ARG A 263 -13.80 4.95 33.83
CA ARG A 263 -14.82 5.16 34.85
C ARG A 263 -16.16 4.58 34.46
N ASN A 264 -16.45 4.48 33.16
CA ASN A 264 -17.69 3.90 32.66
C ASN A 264 -17.43 2.56 31.99
N TRP A 265 -16.41 1.85 32.42
CA TRP A 265 -16.03 0.68 31.67
C TRP A 265 -17.08 -0.44 31.77
N LYS A 266 -17.82 -0.54 32.89
CA LYS A 266 -18.79 -1.65 33.00
C LYS A 266 -19.98 -1.40 32.07
N LEU A 267 -20.39 -0.15 31.94
CA LEU A 267 -21.35 0.21 30.91
C LEU A 267 -20.85 -0.17 29.53
N ILE A 268 -19.62 0.20 29.20
CA ILE A 268 -19.08 -0.15 27.88
C ILE A 268 -19.06 -1.65 27.71
N ARG A 269 -18.60 -2.34 28.73
CA ARG A 269 -18.62 -3.79 28.70
C ARG A 269 -20.01 -4.32 28.45
N ASP A 270 -20.98 -3.83 29.22
CA ASP A 270 -22.29 -4.43 29.24
C ASP A 270 -22.98 -4.29 27.91
N GLU A 271 -22.82 -3.16 27.25
CA GLU A 271 -23.39 -3.00 25.91
C GLU A 271 -22.75 -3.94 24.92
N GLY A 272 -21.44 -4.13 24.99
CA GLY A 272 -20.81 -5.06 24.09
C GLY A 272 -21.25 -6.48 24.38
N LEU A 273 -21.31 -6.85 25.66
CA LEU A 273 -21.72 -8.21 25.98
C LEU A 273 -23.15 -8.44 25.54
N ALA A 274 -24.02 -7.44 25.64
CA ALA A 274 -25.36 -7.63 25.16
C ALA A 274 -25.40 -7.84 23.64
N VAL A 275 -24.55 -7.15 22.87
CA VAL A 275 -24.52 -7.39 21.43
C VAL A 275 -23.99 -8.79 21.13
N MET A 276 -22.94 -9.21 21.82
CA MET A 276 -22.52 -10.61 21.76
C MET A 276 -23.70 -11.54 21.97
N ASP A 277 -24.53 -11.27 22.98
CA ASP A 277 -25.57 -12.24 23.32
C ASP A 277 -26.75 -12.20 22.34
N LYS A 278 -27.15 -11.01 21.94
CA LYS A 278 -28.42 -10.82 21.23
C LYS A 278 -28.22 -10.68 19.73
N ALA A 279 -27.10 -10.09 19.28
CA ALA A 279 -26.81 -9.91 17.87
C ALA A 279 -25.38 -10.36 17.60
N LYS A 280 -25.10 -11.65 17.79
CA LYS A 280 -23.71 -12.05 17.76
C LYS A 280 -23.10 -11.87 16.38
N GLY A 281 -23.91 -11.89 15.30
CA GLY A 281 -23.42 -11.69 13.93
C GLY A 281 -23.05 -10.27 13.59
N LEU A 282 -23.27 -9.38 14.52
CA LEU A 282 -22.71 -8.04 14.37
C LEU A 282 -21.19 -8.01 14.63
N PHE A 283 -20.65 -9.06 15.27
CA PHE A 283 -19.21 -9.17 15.48
C PHE A 283 -18.66 -9.85 14.25
N LEU A 284 -17.88 -9.09 13.43
CA LEU A 284 -17.36 -9.68 12.20
C LEU A 284 -15.93 -10.23 12.40
N PRO A 285 -15.59 -11.34 11.73
CA PRO A 285 -14.25 -11.92 11.84
C PRO A 285 -13.18 -10.93 11.43
N GLU A 286 -12.10 -10.89 12.21
CA GLU A 286 -11.02 -9.96 11.93
C GLU A 286 -10.23 -10.46 10.72
N ASP A 287 -9.19 -9.71 10.38
CA ASP A 287 -8.32 -9.95 9.23
C ASP A 287 -7.79 -11.38 9.21
N GLU A 288 -8.32 -12.20 8.29
CA GLU A 288 -7.88 -13.58 8.10
C GLU A 288 -6.38 -13.65 7.88
N ASN A 289 -5.82 -12.62 7.21
CA ASN A 289 -4.38 -12.65 6.95
C ASN A 289 -3.57 -12.57 8.22
N LEU A 290 -4.08 -11.87 9.23
CA LEU A 290 -3.38 -11.64 10.50
C LEU A 290 -3.68 -12.76 11.48
N ARG A 291 -4.66 -13.57 11.18
CA ARG A 291 -5.10 -14.62 12.07
C ARG A 291 -4.42 -15.94 11.72
N GLU A 292 -3.46 -16.34 12.56
CA GLU A 292 -2.81 -17.63 12.32
C GLU A 292 -3.79 -18.74 12.59
N LYS A 293 -4.55 -18.59 13.67
CA LYS A 293 -5.39 -19.65 14.23
C LYS A 293 -6.29 -18.98 15.25
N GLY A 294 -7.42 -19.59 15.56
CA GLY A 294 -8.28 -19.14 16.63
C GLY A 294 -9.52 -18.42 16.11
N ASP A 295 -10.14 -17.70 17.01
CA ASP A 295 -11.44 -17.08 16.80
C ASP A 295 -11.33 -15.64 17.30
N TRP A 296 -11.52 -14.67 16.39
CA TRP A 296 -11.18 -13.27 16.63
C TRP A 296 -12.14 -12.42 15.79
N SER A 297 -12.87 -11.50 16.43
CA SER A 297 -14.04 -10.86 15.84
C SER A 297 -14.11 -9.45 16.37
N GLN A 298 -14.82 -8.59 15.64
CA GLN A 298 -14.83 -7.18 16.02
C GLN A 298 -16.16 -6.58 15.65
N PHE A 299 -16.64 -5.68 16.51
CA PHE A 299 -17.89 -4.94 16.32
C PHE A 299 -17.56 -3.45 16.29
N THR A 300 -17.63 -2.86 15.10
CA THR A 300 -17.16 -1.50 14.87
C THR A 300 -18.26 -0.48 15.12
N LEU A 301 -17.92 0.55 15.91
CA LEU A 301 -18.78 1.71 16.09
C LEU A 301 -18.42 2.90 15.21
N TRP A 302 -17.13 3.18 15.02
CA TRP A 302 -16.71 4.33 14.23
C TRP A 302 -15.68 3.78 13.29
N GLN A 303 -15.83 4.04 12.00
CA GLN A 303 -14.84 3.68 10.99
C GLN A 303 -14.40 4.99 10.35
N GLN A 304 -13.13 5.37 10.54
CA GLN A 304 -12.52 6.49 9.82
C GLN A 304 -13.38 7.74 9.94
N GLY A 305 -13.76 8.06 11.17
CA GLY A 305 -14.45 9.27 11.42
C GLY A 305 -15.91 9.20 11.12
N ARG A 306 -16.43 8.04 10.70
CA ARG A 306 -17.82 7.88 10.31
C ARG A 306 -18.50 6.98 11.34
N ARG A 307 -19.52 7.50 12.01
CA ARG A 307 -20.33 6.72 12.92
C ARG A 307 -21.15 5.69 12.16
N ASN A 308 -21.06 4.45 12.58
CA ASN A 308 -21.96 3.40 12.12
C ASN A 308 -23.27 3.50 12.90
N GLU A 309 -24.34 3.96 12.25
CA GLU A 309 -25.55 4.25 13.01
C GLU A 309 -26.28 2.99 13.48
N ASN A 310 -26.24 1.90 12.70
CA ASN A 310 -26.89 0.68 13.17
C ASN A 310 -26.13 0.09 14.35
N ALA A 311 -24.83 0.25 14.37
CA ALA A 311 -24.04 -0.15 15.52
C ALA A 311 -24.40 0.66 16.77
N CYS A 312 -24.55 1.96 16.62
CA CYS A 312 -24.84 2.75 17.80
C CYS A 312 -26.24 2.55 18.32
N LYS A 313 -27.14 1.91 17.57
CA LYS A 313 -28.42 1.51 18.16
C LYS A 313 -28.23 0.31 19.10
N GLY A 314 -27.18 -0.48 18.90
CA GLY A 314 -26.86 -1.57 19.82
C GLY A 314 -25.98 -1.25 21.02
N ALA A 315 -25.14 -0.21 20.91
CA ALA A 315 -24.33 0.32 22.00
C ALA A 315 -24.65 1.80 22.17
N PRO A 316 -25.90 2.12 22.52
CA PRO A 316 -26.33 3.53 22.51
C PRO A 316 -25.59 4.43 23.52
N LYS A 317 -25.37 3.95 24.74
CA LYS A 317 -24.79 4.82 25.76
C LYS A 317 -23.30 5.01 25.52
N THR A 318 -22.64 3.94 25.07
CA THR A 318 -21.25 4.04 24.67
C THR A 318 -21.07 5.02 23.53
N CYS A 319 -21.94 4.94 22.52
CA CYS A 319 -21.77 5.88 21.42
C CYS A 319 -21.94 7.30 21.91
N THR A 320 -22.89 7.48 22.80
CA THR A 320 -23.18 8.79 23.37
C THR A 320 -22.02 9.28 24.20
N LEU A 321 -21.39 8.39 24.93
CA LEU A 321 -20.21 8.79 25.68
C LEU A 321 -19.13 9.31 24.73
N LEU A 322 -18.78 8.52 23.72
CA LEU A 322 -17.68 8.87 22.81
C LEU A 322 -17.95 10.18 22.04
N GLU A 323 -19.21 10.54 21.80
N GLU A 323 -19.21 10.53 21.80
CA GLU A 323 -19.46 11.76 21.04
CA GLU A 323 -19.52 11.77 21.09
C GLU A 323 -18.81 12.99 21.69
C GLU A 323 -18.76 12.95 21.67
N LYS A 324 -18.47 12.92 22.97
CA LYS A 324 -17.77 14.04 23.62
C LYS A 324 -16.31 14.16 23.23
N PHE A 325 -15.74 13.25 22.44
CA PHE A 325 -14.31 13.14 22.28
C PHE A 325 -13.95 13.02 20.82
N PRO A 326 -14.04 14.13 20.09
CA PRO A 326 -13.78 14.07 18.64
C PRO A 326 -12.36 13.72 18.28
N GLU A 327 -11.44 13.74 19.24
CA GLU A 327 -10.09 13.24 18.97
C GLU A 327 -10.11 11.79 18.54
N THR A 328 -11.20 11.06 18.86
CA THR A 328 -11.36 9.70 18.39
C THR A 328 -12.52 9.54 17.42
N THR A 329 -13.65 10.21 17.65
CA THR A 329 -14.76 10.04 16.72
C THR A 329 -14.46 10.69 15.38
N GLY A 330 -13.61 11.72 15.40
CA GLY A 330 -13.14 12.41 14.22
C GLY A 330 -11.82 11.92 13.71
N CYS A 331 -11.26 10.84 14.27
CA CYS A 331 -9.98 10.37 13.76
C CYS A 331 -10.21 9.58 12.47
N ARG A 332 -10.05 10.29 11.35
CA ARG A 332 -10.29 9.68 10.06
C ARG A 332 -9.28 8.58 9.74
N ARG A 333 -8.20 8.46 10.50
CA ARG A 333 -7.26 7.39 10.25
C ARG A 333 -7.43 6.28 11.26
N GLY A 334 -8.55 6.26 11.97
CA GLY A 334 -8.66 5.27 13.00
C GLY A 334 -10.02 4.62 13.02
N GLN A 335 -10.27 3.90 14.12
CA GLN A 335 -11.47 3.13 14.32
C GLN A 335 -11.84 3.18 15.81
N ILE A 336 -13.08 2.75 16.09
CA ILE A 336 -13.58 2.51 17.43
C ILE A 336 -14.34 1.22 17.34
N LYS A 337 -13.86 0.18 18.01
CA LYS A 337 -14.51 -1.11 17.85
C LYS A 337 -14.32 -1.98 19.07
N TYR A 338 -15.34 -2.78 19.38
CA TYR A 338 -15.19 -3.89 20.33
C TYR A 338 -14.42 -5.00 19.64
N SER A 339 -13.62 -5.78 20.41
CA SER A 339 -12.83 -6.87 19.83
C SER A 339 -12.76 -8.06 20.78
N ILE A 340 -13.30 -9.18 20.35
CA ILE A 340 -13.31 -10.38 21.18
C ILE A 340 -12.35 -11.40 20.60
N MET A 341 -11.56 -12.05 21.46
CA MET A 341 -10.58 -13.03 21.03
C MET A 341 -10.72 -14.23 21.93
N HIS A 342 -10.71 -15.43 21.34
CA HIS A 342 -11.06 -16.62 22.12
C HIS A 342 -9.77 -17.42 22.34
N PRO A 343 -9.87 -18.45 23.18
CA PRO A 343 -8.66 -19.23 23.43
C PRO A 343 -8.14 -19.88 22.16
N GLY A 344 -6.82 -20.01 22.10
CA GLY A 344 -6.25 -20.65 20.94
C GLY A 344 -6.01 -19.72 19.77
N THR A 345 -5.94 -18.44 20.02
CA THR A 345 -5.81 -17.46 18.96
C THR A 345 -4.40 -16.91 19.01
N HIS A 346 -3.78 -16.75 17.84
CA HIS A 346 -2.56 -16.02 17.65
C HIS A 346 -2.72 -15.08 16.47
N VAL A 347 -2.38 -13.82 16.68
CA VAL A 347 -2.31 -12.79 15.67
C VAL A 347 -0.86 -12.57 15.27
N TRP A 348 -0.60 -12.71 13.98
CA TRP A 348 0.74 -12.57 13.44
C TRP A 348 1.28 -11.19 13.79
N PRO A 349 2.59 -11.02 13.94
CA PRO A 349 3.12 -9.66 14.09
C PRO A 349 2.79 -8.82 12.85
N HIS A 350 2.44 -7.56 13.10
CA HIS A 350 2.08 -6.67 12.00
C HIS A 350 2.10 -5.26 12.54
N THR A 351 2.01 -4.30 11.63
CA THR A 351 1.81 -2.92 12.01
C THR A 351 0.54 -2.43 11.35
N GLY A 352 0.00 -1.32 11.86
CA GLY A 352 -1.08 -0.67 11.17
C GLY A 352 -0.57 0.20 10.05
N PRO A 353 -1.51 0.88 9.40
CA PRO A 353 -1.13 1.61 8.20
C PRO A 353 -0.58 3.00 8.41
N THR A 354 -0.64 3.61 9.58
CA THR A 354 -0.33 5.03 9.64
C THR A 354 0.32 5.32 10.97
N ASN A 355 1.17 6.34 11.01
CA ASN A 355 1.73 6.79 12.29
C ASN A 355 0.92 7.97 12.88
N CYS A 356 -0.25 8.26 12.27
CA CYS A 356 -1.07 9.41 12.62
C CYS A 356 -2.11 9.11 13.68
N ARG A 357 -2.06 7.94 14.26
CA ARG A 357 -3.00 7.58 15.28
C ARG A 357 -2.27 6.85 16.41
N LEU A 358 -2.84 6.93 17.59
CA LEU A 358 -2.48 6.01 18.66
C LEU A 358 -3.69 5.19 18.96
N ARG A 359 -3.45 3.96 19.43
CA ARG A 359 -4.50 2.97 19.61
C ARG A 359 -4.62 2.73 21.10
N MET A 360 -5.82 2.98 21.63
CA MET A 360 -6.12 2.71 23.03
C MET A 360 -6.84 1.39 23.11
N HIS A 361 -6.57 0.61 24.16
CA HIS A 361 -7.27 -0.64 24.45
C HIS A 361 -7.85 -0.56 25.84
N LEU A 362 -9.18 -0.67 25.97
CA LEU A 362 -9.82 -0.66 27.27
C LEU A 362 -10.14 -2.11 27.52
N GLY A 363 -9.70 -2.64 28.70
CA GLY A 363 -10.02 -4.01 29.05
C GLY A 363 -11.43 -4.13 29.59
N LEU A 364 -12.16 -5.09 29.10
CA LEU A 364 -13.53 -5.29 29.52
C LEU A 364 -13.74 -6.66 30.11
N VAL A 365 -13.28 -7.73 29.47
CA VAL A 365 -13.37 -9.07 30.05
C VAL A 365 -12.01 -9.67 29.78
N ILE A 366 -11.18 -9.82 30.81
CA ILE A 366 -9.80 -10.24 30.62
C ILE A 366 -9.56 -11.44 31.54
N PRO A 367 -9.37 -12.65 31.00
CA PRO A 367 -9.01 -13.80 31.85
C PRO A 367 -7.70 -13.59 32.61
N LYS A 368 -7.52 -14.30 33.71
CA LYS A 368 -6.47 -13.92 34.66
C LYS A 368 -5.08 -14.31 34.17
N GLU A 369 -5.01 -15.28 33.23
CA GLU A 369 -3.76 -15.67 32.61
C GLU A 369 -4.05 -15.95 31.14
N GLY A 370 -3.06 -15.74 30.28
CA GLY A 370 -3.07 -16.30 28.96
C GLY A 370 -3.18 -15.30 27.86
N CYS A 371 -3.64 -14.07 28.14
CA CYS A 371 -3.79 -13.03 27.12
C CYS A 371 -2.65 -12.02 27.21
N LYS A 372 -2.01 -11.73 26.07
CA LYS A 372 -0.89 -10.80 26.20
C LYS A 372 -0.74 -10.16 24.86
N ILE A 373 -0.24 -8.92 24.86
CA ILE A 373 0.07 -8.22 23.63
C ILE A 373 1.50 -7.69 23.67
N ARG A 374 2.24 -7.86 22.57
CA ARG A 374 3.58 -7.28 22.43
C ARG A 374 3.52 -6.11 21.45
N CYS A 375 4.17 -5.00 21.82
CA CYS A 375 4.46 -3.93 20.86
C CYS A 375 5.94 -3.60 20.95
N ALA A 376 6.66 -3.76 19.84
CA ALA A 376 8.13 -3.66 19.77
C ALA A 376 8.69 -4.68 20.73
N ASN A 377 9.57 -4.31 21.64
CA ASN A 377 10.23 -5.21 22.56
C ASN A 377 9.48 -5.44 23.86
N GLU A 378 8.35 -4.79 24.09
CA GLU A 378 7.67 -4.83 25.39
C GLU A 378 6.37 -5.57 25.23
N THR A 379 6.17 -6.58 26.07
CA THR A 379 4.98 -7.39 26.10
C THR A 379 4.22 -7.05 27.37
N LYS A 380 2.94 -6.76 27.21
CA LYS A 380 2.10 -6.34 28.31
C LYS A 380 0.78 -7.11 28.27
N THR A 381 -0.07 -6.86 29.26
CA THR A 381 -1.38 -7.49 29.31
C THR A 381 -2.43 -6.47 29.75
N TRP A 382 -3.66 -6.80 29.51
CA TRP A 382 -4.77 -5.90 29.74
C TRP A 382 -5.27 -6.05 31.16
N GLU A 383 -6.07 -5.06 31.60
CA GLU A 383 -6.75 -5.11 32.88
C GLU A 383 -8.19 -4.64 32.72
N GLU A 384 -9.12 -5.31 33.40
CA GLU A 384 -10.51 -4.89 33.32
C GLU A 384 -10.62 -3.47 33.83
N GLY A 385 -11.11 -2.56 32.98
CA GLY A 385 -11.37 -1.19 33.40
C GLY A 385 -10.18 -0.28 33.28
N LYS A 386 -9.09 -0.75 32.67
CA LYS A 386 -7.86 0.02 32.56
C LYS A 386 -7.51 0.09 31.09
N VAL A 387 -7.00 1.23 30.70
CA VAL A 387 -6.64 1.47 29.32
C VAL A 387 -5.13 1.29 29.17
N LEU A 388 -4.74 0.64 28.08
CA LEU A 388 -3.39 0.56 27.54
C LEU A 388 -3.36 1.37 26.26
N ILE A 389 -2.21 2.00 25.97
CA ILE A 389 -2.06 2.83 24.79
C ILE A 389 -0.76 2.46 24.12
N PHE A 390 -0.84 2.09 22.85
CA PHE A 390 0.36 1.92 22.07
C PHE A 390 0.19 2.53 20.68
N ASP A 391 1.34 2.76 20.02
CA ASP A 391 1.42 3.22 18.63
C ASP A 391 1.47 2.00 17.70
N ASP A 392 0.34 1.69 17.10
CA ASP A 392 0.27 0.47 16.34
C ASP A 392 0.93 0.59 15.00
N SER A 393 1.64 1.68 14.75
CA SER A 393 2.51 1.67 13.59
C SER A 393 3.77 0.86 13.90
N PHE A 394 4.03 0.57 15.17
CA PHE A 394 5.12 -0.30 15.62
C PHE A 394 4.54 -1.69 15.61
N GLU A 395 5.35 -2.66 15.23
CA GLU A 395 4.96 -4.03 15.14
C GLU A 395 4.38 -4.48 16.47
N HIS A 396 3.21 -5.09 16.42
CA HIS A 396 2.52 -5.61 17.58
C HIS A 396 2.07 -7.04 17.24
N GLU A 397 1.92 -7.86 18.27
CA GLU A 397 1.58 -9.25 18.15
C GLU A 397 0.72 -9.64 19.35
N VAL A 398 -0.23 -10.55 19.15
CA VAL A 398 -1.13 -10.89 20.22
C VAL A 398 -1.35 -12.39 20.29
N TRP A 399 -1.56 -12.86 21.52
CA TRP A 399 -1.78 -14.23 21.92
C TRP A 399 -2.95 -14.31 22.87
N GLN A 400 -3.75 -15.36 22.71
CA GLN A 400 -4.89 -15.69 23.57
C GLN A 400 -4.79 -17.19 23.87
N ASP A 401 -4.18 -17.53 25.03
CA ASP A 401 -3.92 -18.89 25.50
C ASP A 401 -4.58 -19.12 26.86
N ALA A 402 -5.77 -18.59 27.02
CA ALA A 402 -6.49 -18.62 28.27
C ALA A 402 -7.57 -19.70 28.20
N SER A 403 -8.51 -19.70 29.16
CA SER A 403 -9.56 -20.72 29.18
C SER A 403 -10.96 -20.18 28.89
N SER A 404 -11.08 -18.87 28.63
CA SER A 404 -12.35 -18.24 28.28
C SER A 404 -12.06 -17.00 27.44
N PHE A 405 -13.12 -16.30 27.09
CA PHE A 405 -13.04 -15.29 26.03
C PHE A 405 -12.50 -13.99 26.61
N ARG A 406 -11.87 -13.21 25.73
CA ARG A 406 -11.25 -11.95 26.09
C ARG A 406 -11.94 -10.86 25.30
N LEU A 407 -12.51 -9.91 26.00
CA LEU A 407 -13.16 -8.81 25.35
C LEU A 407 -12.43 -7.53 25.66
N ILE A 408 -12.05 -6.77 24.63
CA ILE A 408 -11.56 -5.41 24.81
C ILE A 408 -12.29 -4.41 23.90
N PHE A 409 -12.04 -3.14 24.23
CA PHE A 409 -12.63 -2.02 23.54
C PHE A 409 -11.50 -1.18 22.98
N ILE A 410 -11.52 -0.98 21.65
CA ILE A 410 -10.44 -0.34 20.92
C ILE A 410 -10.86 1.03 20.43
N VAL A 411 -10.03 2.05 20.70
CA VAL A 411 -10.35 3.44 20.49
C VAL A 411 -9.11 4.08 19.92
N ASP A 412 -9.14 4.47 18.65
CA ASP A 412 -8.05 5.22 18.04
C ASP A 412 -8.24 6.71 18.24
N VAL A 413 -7.11 7.38 18.52
CA VAL A 413 -7.05 8.84 18.62
C VAL A 413 -6.00 9.34 17.65
N TRP A 414 -6.25 10.54 17.11
CA TRP A 414 -5.24 11.24 16.36
C TRP A 414 -3.98 11.32 17.19
N HIS A 415 -2.81 11.14 16.53
CA HIS A 415 -1.55 11.36 17.22
C HIS A 415 -1.56 12.77 17.83
N PRO A 416 -1.29 12.93 19.13
CA PRO A 416 -1.55 14.25 19.77
C PRO A 416 -0.67 15.40 19.27
N GLU A 417 0.39 15.12 18.54
CA GLU A 417 1.23 16.16 17.96
C GLU A 417 0.75 16.63 16.60
N LEU A 418 -0.22 16.00 16.00
CA LEU A 418 -0.82 16.53 14.78
C LEU A 418 -1.59 17.79 15.11
N THR A 419 -1.37 18.85 14.35
CA THR A 419 -2.09 20.08 14.57
C THR A 419 -3.53 20.01 14.03
N PRO A 420 -4.41 20.83 14.55
CA PRO A 420 -5.78 20.88 14.04
C PRO A 420 -5.90 20.94 12.53
N GLN A 421 -5.02 21.66 11.85
CA GLN A 421 -5.14 21.77 10.39
C GLN A 421 -4.68 20.47 9.73
N GLN A 422 -3.66 19.82 10.33
CA GLN A 422 -3.30 18.47 9.89
C GLN A 422 -4.45 17.51 10.11
N ARG A 423 -5.03 17.48 11.31
CA ARG A 423 -6.15 16.57 11.52
C ARG A 423 -7.23 16.82 10.48
N ARG A 424 -7.41 18.10 10.12
CA ARG A 424 -8.47 18.51 9.21
C ARG A 424 -8.22 18.09 7.76
N SER A 425 -6.96 17.99 7.34
CA SER A 425 -6.64 17.85 5.93
C SER A 425 -6.08 16.49 5.54
N LEU A 426 -5.76 15.64 6.50
CA LEU A 426 -5.21 14.34 6.13
C LEU A 426 -6.27 13.52 5.42
N PRO A 427 -5.99 12.97 4.23
CA PRO A 427 -6.90 11.96 3.66
C PRO A 427 -7.16 10.85 4.65
N ALA A 428 -8.38 10.31 4.61
CA ALA A 428 -8.60 9.04 5.29
C ALA A 428 -7.86 7.95 4.51
N ILE A 429 -7.84 6.76 5.06
CA ILE A 429 -7.07 5.69 4.45
C ILE A 429 -8.00 4.65 3.87
MN MN B . -3.13 -4.45 14.95
C01 IO9 C . -7.11 -7.37 19.50
C02 IO9 C . -4.65 -4.19 17.25
C03 IO9 C . -6.50 -6.43 18.46
C04 IO9 C . -4.97 -6.61 18.20
C05 IO9 C . -4.41 -5.54 17.19
O01 IO9 C . -6.30 -7.76 20.43
O02 IO9 C . -8.24 -7.87 19.57
O03 IO9 C . -5.46 -3.59 18.31
O04 IO9 C . -4.20 -3.39 16.48
O05 IO9 C . -7.32 -6.41 17.30
O06 IO9 C . -3.66 -5.87 16.25
H04 IO9 C . -6.39 -5.59 18.92
H05 IO9 C . -4.49 -6.55 19.04
H06 IO9 C . -4.80 -7.50 17.84
H03 IO9 C . -8.15 -6.28 17.42
#